data_5EKG
#
_entry.id   5EKG
#
_cell.length_a   78.492
_cell.length_b   90.842
_cell.length_c   100.980
_cell.angle_alpha   90.00
_cell.angle_beta   90.00
_cell.angle_gamma   90.00
#
_symmetry.space_group_name_H-M   'P 21 21 21'
#
loop_
_entity.id
_entity.type
_entity.pdbx_description
1 polymer 'XPG2 peptide'
2 polymer 'Importin subunit alpha-1'
#
loop_
_entity_poly.entity_id
_entity_poly.type
_entity_poly.pdbx_seq_one_letter_code
_entity_poly.pdbx_strand_id
1 'polypeptide(L)' VFGKKRRKLRRARGRKRKT B,C
2 'polypeptide(L)'
;MHHHHHHSSGLVPRGSGMKETAAAKFERQHMDSPDLGTDDDDKAMADIGSNQGTVNWSVEDIVKGINSNNLESQLQATQA
ARKLLSREKQPPIDNIIRAGLIPKFVSFLGKTDCSPIQFESAWALTNIASGTSEQTKAVVDGGAIPAFISLLASPHAHIS
EQAVWALGNIAGDGSAFRDLVIKHGAIDPLLALLAVPDLSTLACGYLRNLTWTLSNLCRNKNPAPPLDAVEQILPTLVRL
LHHNDPEVLADSCWAISYLTDGPNERIEMVVKKGVVPQLVKLLGATELPIVTPALRAIGNIVTGTDEQTQKVIDAGALAV
FPSLLTNPKTNIQKEATWTMSNITAGRQDQIQQVVNHGLVPFLVGVLSKADFKTQKEAAWAITNYTSGGTVEQIVYLVHC
GIIEPLMNLLSAKDTKIIQVILDAISNIFQAAEKLGETEKLSIMIEECGGLDKIEALQRHENESVYKASLNLIEKYFSVE
EEEDQNVVPETTSEGFAFQVQDGAPGTFNF
;
A
#
# COMPACT_ATOMS: atom_id res chain seq x y z
N ARG A 15 17.28 11.54 8.27
CA ARG A 15 17.77 10.60 7.26
C ARG A 15 16.60 9.74 6.68
N LYS A 16 15.63 9.37 7.55
CA LYS A 16 14.51 8.50 7.15
C LYS A 16 13.52 9.19 6.22
N ARG A 17 13.02 8.46 5.24
CA ARG A 17 12.13 9.04 4.24
C ARG A 17 10.79 8.29 4.07
N LYS A 18 9.74 8.85 4.67
CA LYS A 18 8.38 8.41 4.43
C LYS A 18 7.93 8.88 3.02
N THR A 19 6.95 8.21 2.37
CA THR A 19 6.28 7.00 2.85
C THR A 19 5.64 6.20 1.67
N GLY B 3 -9.75 -3.33 -4.88
CA GLY B 3 -8.96 -2.29 -5.49
C GLY B 3 -9.66 -0.96 -5.35
N LYS B 4 -9.88 -0.54 -4.09
CA LYS B 4 -10.69 0.63 -3.71
C LYS B 4 -12.17 0.27 -3.89
N LYS B 5 -12.61 -0.06 -5.11
CA LYS B 5 -13.98 -0.52 -5.31
C LYS B 5 -14.06 -1.74 -6.21
N ARG B 6 -15.17 -2.45 -6.13
CA ARG B 6 -15.33 -3.73 -6.83
C ARG B 6 -16.77 -3.92 -7.27
N ARG B 7 -16.97 -4.15 -8.57
CA ARG B 7 -18.30 -4.42 -9.09
C ARG B 7 -18.55 -5.92 -9.11
N LYS B 8 -19.67 -6.36 -8.53
CA LYS B 8 -20.04 -7.78 -8.61
C LYS B 8 -20.71 -8.09 -9.96
N LEU B 9 -20.15 -9.04 -10.74
CA LEU B 9 -20.66 -9.38 -12.09
C LEU B 9 -21.32 -10.76 -12.20
N ARG B 10 -21.21 -11.58 -11.15
CA ARG B 10 -21.82 -12.92 -11.10
C ARG B 10 -21.67 -13.55 -9.68
N ARG B 11 -22.65 -14.38 -9.30
CA ARG B 11 -22.72 -15.00 -7.97
C ARG B 11 -21.77 -16.20 -7.81
N GLY C 53 -35.97 -14.03 -19.38
CA GLY C 53 -37.17 -13.56 -18.71
C GLY C 53 -37.00 -12.17 -18.13
N THR C 54 -35.94 -11.99 -17.34
CA THR C 54 -35.58 -10.68 -16.77
C THR C 54 -34.24 -10.17 -17.31
N VAL C 55 -33.96 -10.45 -18.58
CA VAL C 55 -32.68 -10.06 -19.21
C VAL C 55 -32.88 -8.86 -20.16
N ASN C 56 -32.10 -7.81 -19.91
CA ASN C 56 -32.04 -6.63 -20.79
C ASN C 56 -33.36 -5.86 -20.96
N TRP C 57 -33.93 -5.34 -19.87
CA TRP C 57 -35.09 -4.45 -19.98
C TRP C 57 -34.64 -3.04 -20.28
N SER C 58 -35.58 -2.21 -20.69
CA SER C 58 -35.34 -0.79 -20.73
C SER C 58 -35.32 -0.29 -19.28
N VAL C 59 -34.67 0.83 -19.03
CA VAL C 59 -34.82 1.45 -17.72
C VAL C 59 -36.28 1.88 -17.55
N GLU C 60 -36.95 2.24 -18.64
CA GLU C 60 -38.36 2.65 -18.53
C GLU C 60 -39.22 1.48 -18.06
N ASP C 61 -38.88 0.27 -18.50
CA ASP C 61 -39.57 -0.93 -18.05
C ASP C 61 -39.33 -1.16 -16.56
N ILE C 62 -38.07 -1.10 -16.15
CA ILE C 62 -37.69 -1.25 -14.74
C ILE C 62 -38.42 -0.24 -13.83
N VAL C 63 -38.53 1.00 -14.27
CA VAL C 63 -39.24 1.96 -13.45
C VAL C 63 -40.73 1.62 -13.30
N LYS C 64 -41.36 1.22 -14.41
CA LYS C 64 -42.81 1.02 -14.43
C LYS C 64 -43.20 -0.11 -13.44
N GLY C 65 -42.34 -1.13 -13.37
CA GLY C 65 -42.60 -2.31 -12.57
C GLY C 65 -42.33 -2.07 -11.11
N ILE C 66 -41.19 -1.44 -10.81
CA ILE C 66 -40.79 -1.10 -9.45
C ILE C 66 -41.74 -0.12 -8.79
N ASN C 67 -42.41 0.68 -9.62
CA ASN C 67 -43.44 1.61 -9.15
C ASN C 67 -44.79 0.96 -8.94
N SER C 68 -44.96 -0.28 -9.41
CA SER C 68 -46.23 -0.98 -9.26
C SER C 68 -46.50 -1.35 -7.81
N ASN C 69 -47.76 -1.35 -7.40
CA ASN C 69 -48.09 -1.77 -6.03
C ASN C 69 -48.14 -3.30 -5.89
N ASN C 70 -47.10 -3.99 -6.38
CA ASN C 70 -47.07 -5.45 -6.48
C ASN C 70 -45.68 -6.01 -6.19
N LEU C 71 -45.52 -6.68 -5.04
CA LEU C 71 -44.19 -7.07 -4.60
C LEU C 71 -43.51 -8.04 -5.57
N GLU C 72 -44.25 -8.98 -6.16
CA GLU C 72 -43.59 -9.85 -7.11
C GLU C 72 -43.28 -9.05 -8.39
N SER C 73 -44.12 -8.06 -8.73
CA SER C 73 -43.80 -7.23 -9.89
C SER C 73 -42.54 -6.42 -9.63
N GLN C 74 -42.37 -5.94 -8.41
CA GLN C 74 -41.20 -5.16 -8.07
C GLN C 74 -39.95 -6.02 -8.10
N LEU C 75 -40.03 -7.21 -7.50
CA LEU C 75 -38.91 -8.14 -7.43
C LEU C 75 -38.35 -8.49 -8.81
N GLN C 76 -39.21 -8.63 -9.81
CA GLN C 76 -38.69 -8.93 -11.13
C GLN C 76 -38.02 -7.70 -11.76
N ALA C 77 -38.48 -6.50 -11.45
CA ALA C 77 -37.83 -5.29 -11.96
C ALA C 77 -36.45 -5.04 -11.28
N THR C 78 -36.41 -5.22 -9.96
CA THR C 78 -35.15 -5.16 -9.21
C THR C 78 -34.17 -6.23 -9.67
N GLN C 79 -34.68 -7.36 -10.16
CA GLN C 79 -33.78 -8.35 -10.73
C GLN C 79 -33.34 -7.93 -12.13
N ALA C 80 -34.19 -7.20 -12.84
CA ALA C 80 -33.80 -6.64 -14.13
C ALA C 80 -32.68 -5.62 -13.92
N ALA C 81 -32.88 -4.73 -12.95
CA ALA C 81 -31.92 -3.65 -12.67
C ALA C 81 -30.55 -4.24 -12.30
N ARG C 82 -30.59 -5.25 -11.45
CA ARG C 82 -29.36 -5.93 -11.07
C ARG C 82 -28.61 -6.50 -12.27
N LYS C 83 -29.34 -7.13 -13.20
CA LYS C 83 -28.68 -7.74 -14.34
C LYS C 83 -28.12 -6.64 -15.25
N LEU C 84 -28.79 -5.49 -15.26
CA LEU C 84 -28.27 -4.35 -15.97
C LEU C 84 -26.94 -3.89 -15.39
N LEU C 85 -26.90 -3.79 -14.06
CA LEU C 85 -25.75 -3.21 -13.36
C LEU C 85 -24.57 -4.17 -13.29
N SER C 86 -24.82 -5.46 -13.48
CA SER C 86 -23.70 -6.40 -13.46
C SER C 86 -23.36 -6.97 -14.85
N ARG C 87 -23.72 -6.23 -15.90
CA ARG C 87 -23.32 -6.66 -17.24
C ARG C 87 -21.83 -6.33 -17.43
N GLU C 88 -21.16 -6.99 -18.38
CA GLU C 88 -19.71 -6.84 -18.57
C GLU C 88 -19.35 -5.47 -19.11
N LYS C 89 -19.95 -5.09 -20.25
CA LYS C 89 -19.70 -3.78 -20.88
C LYS C 89 -20.29 -2.67 -20.01
N GLN C 90 -20.15 -1.42 -20.44
CA GLN C 90 -20.47 -0.27 -19.58
C GLN C 90 -21.84 -0.38 -18.90
N PRO C 91 -21.85 -0.53 -17.56
CA PRO C 91 -23.11 -0.55 -16.81
C PRO C 91 -23.75 0.84 -16.72
N PRO C 92 -25.07 0.91 -16.89
CA PRO C 92 -25.90 2.13 -16.97
C PRO C 92 -26.22 2.78 -15.63
N ILE C 93 -25.21 2.96 -14.79
CA ILE C 93 -25.41 3.47 -13.45
C ILE C 93 -26.14 4.81 -13.42
N ASP C 94 -25.75 5.77 -14.27
CA ASP C 94 -26.31 7.13 -14.15
C ASP C 94 -27.80 7.21 -14.54
N ASN C 95 -28.25 6.33 -15.46
CA ASN C 95 -29.66 6.31 -15.83
C ASN C 95 -30.52 5.76 -14.70
N ILE C 96 -30.01 4.72 -14.06
CA ILE C 96 -30.62 4.16 -12.87
C ILE C 96 -30.75 5.21 -11.79
N ILE C 97 -29.64 5.91 -11.52
CA ILE C 97 -29.64 6.92 -10.46
C ILE C 97 -30.66 7.99 -10.83
N ARG C 98 -30.56 8.49 -12.06
CA ARG C 98 -31.43 9.57 -12.52
C ARG C 98 -32.90 9.14 -12.61
N ALA C 99 -33.15 7.85 -12.84
CA ALA C 99 -34.52 7.32 -12.85
C ALA C 99 -35.21 7.44 -11.49
N GLY C 100 -34.43 7.80 -10.48
CA GLY C 100 -34.98 8.05 -9.16
C GLY C 100 -35.06 6.80 -8.30
N LEU C 101 -34.28 5.77 -8.64
CA LEU C 101 -34.47 4.44 -8.05
C LEU C 101 -33.74 4.12 -6.72
N ILE C 102 -32.72 4.88 -6.36
CA ILE C 102 -31.97 4.54 -5.14
C ILE C 102 -32.86 4.47 -3.90
N PRO C 103 -33.75 5.45 -3.68
CA PRO C 103 -34.59 5.32 -2.48
C PRO C 103 -35.47 4.05 -2.46
N LYS C 104 -36.03 3.61 -3.59
CA LYS C 104 -36.89 2.44 -3.48
C LYS C 104 -36.04 1.20 -3.23
N PHE C 105 -34.82 1.18 -3.78
CA PHE C 105 -33.90 0.09 -3.51
C PHE C 105 -33.51 0.03 -2.03
N VAL C 106 -33.25 1.19 -1.47
CA VAL C 106 -32.82 1.24 -0.09
C VAL C 106 -33.97 0.73 0.78
N SER C 107 -35.20 0.99 0.38
CA SER C 107 -36.33 0.54 1.18
C SER C 107 -36.53 -0.97 1.05
N PHE C 108 -36.17 -1.55 -0.08
CA PHE C 108 -36.30 -3.00 -0.22
C PHE C 108 -35.37 -3.75 0.72
N LEU C 109 -34.29 -3.11 1.15
CA LEU C 109 -33.30 -3.75 2.04
C LEU C 109 -33.95 -4.12 3.37
N GLY C 110 -34.95 -3.34 3.78
CA GLY C 110 -35.65 -3.61 5.02
C GLY C 110 -36.85 -4.52 4.92
N LYS C 111 -37.05 -5.16 3.77
CA LYS C 111 -38.18 -6.08 3.65
C LYS C 111 -37.74 -7.48 4.08
N THR C 112 -37.73 -7.72 5.39
CA THR C 112 -37.26 -9.00 5.91
C THR C 112 -38.21 -10.12 5.51
N ASP C 113 -39.44 -9.73 5.20
CA ASP C 113 -40.43 -10.63 4.61
C ASP C 113 -39.93 -11.24 3.28
N CYS C 114 -39.45 -10.40 2.37
CA CYS C 114 -39.00 -10.89 1.08
C CYS C 114 -37.49 -10.97 0.95
N SER C 115 -36.91 -11.99 1.55
CA SER C 115 -35.49 -12.31 1.38
C SER C 115 -34.94 -12.10 -0.06
N PRO C 116 -35.64 -12.58 -1.09
CA PRO C 116 -34.96 -12.40 -2.39
C PRO C 116 -34.86 -10.96 -2.90
N ILE C 117 -35.71 -10.03 -2.46
CA ILE C 117 -35.60 -8.68 -3.02
C ILE C 117 -34.53 -7.88 -2.25
N GLN C 118 -34.32 -8.26 -0.98
CA GLN C 118 -33.19 -7.80 -0.18
C GLN C 118 -31.87 -8.08 -0.88
N PHE C 119 -31.73 -9.29 -1.39
CA PHE C 119 -30.49 -9.70 -2.05
C PHE C 119 -30.25 -8.91 -3.34
N GLU C 120 -31.28 -8.81 -4.18
CA GLU C 120 -31.17 -8.11 -5.46
C GLU C 120 -30.95 -6.59 -5.32
N SER C 121 -31.59 -5.97 -4.33
CA SER C 121 -31.28 -4.60 -3.98
C SER C 121 -29.85 -4.44 -3.51
N ALA C 122 -29.46 -5.26 -2.52
CA ALA C 122 -28.10 -5.23 -1.97
C ALA C 122 -27.09 -5.26 -3.10
N TRP C 123 -27.30 -6.22 -3.99
CA TRP C 123 -26.47 -6.38 -5.17
C TRP C 123 -26.49 -5.13 -6.07
N ALA C 124 -27.70 -4.70 -6.48
CA ALA C 124 -27.85 -3.50 -7.30
C ALA C 124 -27.15 -2.32 -6.66
N LEU C 125 -27.47 -2.10 -5.38
CA LEU C 125 -26.90 -0.97 -4.65
C LEU C 125 -25.39 -1.08 -4.52
N THR C 126 -24.89 -2.30 -4.29
CA THR C 126 -23.45 -2.57 -4.32
C THR C 126 -22.82 -2.04 -5.59
N ASN C 127 -23.44 -2.34 -6.74
CA ASN C 127 -22.83 -2.02 -8.03
C ASN C 127 -22.94 -0.54 -8.35
N ILE C 128 -23.98 0.10 -7.85
CA ILE C 128 -24.03 1.55 -7.98
C ILE C 128 -22.92 2.20 -7.13
N ALA C 129 -22.76 1.70 -5.91
CA ALA C 129 -21.75 2.19 -5.00
C ALA C 129 -20.34 1.95 -5.53
N SER C 130 -20.22 1.08 -6.53
CA SER C 130 -18.91 0.69 -7.01
C SER C 130 -18.41 1.68 -8.05
N GLY C 131 -19.23 2.68 -8.39
CA GLY C 131 -18.86 3.65 -9.41
C GLY C 131 -18.06 4.84 -8.90
N THR C 132 -18.39 6.03 -9.40
CA THR C 132 -17.65 7.24 -9.07
C THR C 132 -18.01 7.74 -7.65
N SER C 133 -17.30 8.74 -7.16
CA SER C 133 -17.64 9.31 -5.84
C SER C 133 -19.01 9.92 -5.85
N GLU C 134 -19.37 10.55 -6.97
CA GLU C 134 -20.69 11.17 -7.06
C GLU C 134 -21.73 10.04 -6.98
N GLN C 135 -21.38 8.90 -7.56
CA GLN C 135 -22.29 7.77 -7.56
C GLN C 135 -22.42 7.09 -6.19
N THR C 136 -21.31 6.75 -5.55
CA THR C 136 -21.35 6.20 -4.18
C THR C 136 -22.15 7.15 -3.28
N LYS C 137 -21.97 8.45 -3.53
CA LYS C 137 -22.64 9.45 -2.72
C LYS C 137 -24.15 9.30 -2.86
N ALA C 138 -24.61 8.94 -4.05
CA ALA C 138 -26.04 8.79 -4.29
C ALA C 138 -26.57 7.69 -3.39
N VAL C 139 -25.84 6.58 -3.35
CA VAL C 139 -26.20 5.43 -2.53
C VAL C 139 -26.19 5.82 -1.06
N VAL C 140 -25.16 6.53 -0.62
CA VAL C 140 -25.06 6.93 0.79
C VAL C 140 -26.17 7.90 1.20
N ASP C 141 -26.48 8.84 0.30
CA ASP C 141 -27.56 9.82 0.50
C ASP C 141 -28.94 9.17 0.63
N GLY C 142 -29.15 8.06 -0.06
CA GLY C 142 -30.40 7.30 0.03
C GLY C 142 -30.69 6.73 1.42
N GLY C 143 -29.69 6.73 2.30
CA GLY C 143 -29.87 6.20 3.65
C GLY C 143 -29.43 4.75 3.72
N ALA C 144 -28.52 4.40 2.82
CA ALA C 144 -28.13 3.00 2.61
C ALA C 144 -27.34 2.44 3.78
N ILE C 145 -26.49 3.27 4.37
CA ILE C 145 -25.54 2.73 5.33
C ILE C 145 -26.22 2.05 6.53
N PRO C 146 -27.09 2.77 7.27
CA PRO C 146 -27.68 2.06 8.41
C PRO C 146 -28.41 0.80 7.94
N ALA C 147 -29.02 0.88 6.76
CA ALA C 147 -29.72 -0.26 6.18
C ALA C 147 -28.80 -1.47 5.97
N PHE C 148 -27.61 -1.25 5.41
CA PHE C 148 -26.66 -2.34 5.19
C PHE C 148 -26.12 -2.93 6.49
N ILE C 149 -25.94 -2.08 7.49
CA ILE C 149 -25.43 -2.53 8.77
C ILE C 149 -26.46 -3.43 9.43
N SER C 150 -27.73 -3.23 9.12
CA SER C 150 -28.78 -4.12 9.59
C SER C 150 -28.66 -5.47 8.90
N LEU C 151 -28.46 -5.44 7.59
CA LEU C 151 -28.32 -6.66 6.80
C LEU C 151 -27.18 -7.58 7.27
N LEU C 152 -26.23 -7.04 8.02
CA LEU C 152 -25.11 -7.84 8.49
C LEU C 152 -25.60 -8.90 9.48
N ALA C 153 -26.75 -8.64 10.11
CA ALA C 153 -27.32 -9.57 11.08
C ALA C 153 -28.17 -10.68 10.42
N SER C 154 -28.43 -10.51 9.12
CA SER C 154 -29.22 -11.48 8.36
C SER C 154 -28.77 -12.91 8.60
N PRO C 155 -29.75 -13.81 8.73
CA PRO C 155 -29.62 -15.28 8.77
C PRO C 155 -29.24 -15.88 7.42
N HIS C 156 -29.19 -15.07 6.36
CA HIS C 156 -28.84 -15.56 5.04
C HIS C 156 -27.41 -15.15 4.67
N ALA C 157 -26.53 -16.15 4.57
CA ALA C 157 -25.12 -15.89 4.34
C ALA C 157 -24.90 -15.04 3.09
N HIS C 158 -25.62 -15.35 2.02
CA HIS C 158 -25.41 -14.63 0.77
C HIS C 158 -25.91 -13.17 0.85
N ILE C 159 -26.71 -12.84 1.87
CA ILE C 159 -27.19 -11.47 1.98
C ILE C 159 -26.24 -10.65 2.85
N SER C 160 -25.87 -11.21 4.00
CA SER C 160 -24.89 -10.54 4.84
C SER C 160 -23.60 -10.31 4.01
N GLU C 161 -23.21 -11.32 3.23
CA GLU C 161 -22.03 -11.19 2.37
C GLU C 161 -22.16 -9.95 1.48
N GLN C 162 -23.33 -9.79 0.88
CA GLN C 162 -23.57 -8.71 -0.04
C GLN C 162 -23.51 -7.37 0.69
N ALA C 163 -24.00 -7.33 1.92
CA ALA C 163 -23.96 -6.09 2.68
C ALA C 163 -22.51 -5.73 3.06
N VAL C 164 -21.71 -6.75 3.33
CA VAL C 164 -20.29 -6.58 3.56
C VAL C 164 -19.64 -5.91 2.36
N TRP C 165 -19.89 -6.52 1.20
CA TRP C 165 -19.38 -6.04 -0.09
C TRP C 165 -19.79 -4.59 -0.32
N ALA C 166 -21.03 -4.28 0.03
CA ALA C 166 -21.55 -2.95 -0.22
C ALA C 166 -20.85 -1.94 0.68
N LEU C 167 -20.73 -2.27 1.96
CA LEU C 167 -20.07 -1.37 2.91
C LEU C 167 -18.63 -1.17 2.50
N GLY C 168 -17.99 -2.25 2.03
CA GLY C 168 -16.69 -2.19 1.41
C GLY C 168 -16.57 -1.10 0.35
N ASN C 169 -17.52 -1.02 -0.57
CA ASN C 169 -17.47 -0.01 -1.65
C ASN C 169 -17.65 1.37 -1.06
N ILE C 170 -18.56 1.46 -0.11
CA ILE C 170 -18.85 2.75 0.48
C ILE C 170 -17.64 3.28 1.29
N ALA C 171 -17.04 2.46 2.15
CA ALA C 171 -15.84 2.90 2.88
C ALA C 171 -14.63 3.09 1.96
N GLY C 172 -14.61 2.37 0.84
CA GLY C 172 -13.50 2.44 -0.10
C GLY C 172 -13.37 3.80 -0.75
N ASP C 173 -14.46 4.53 -0.81
CA ASP C 173 -14.53 5.78 -1.54
C ASP C 173 -13.60 6.89 -1.03
N GLY C 174 -13.28 6.86 0.26
CA GLY C 174 -12.40 7.86 0.83
C GLY C 174 -12.60 8.10 2.31
N SER C 175 -11.80 8.99 2.88
CA SER C 175 -11.78 9.19 4.33
C SER C 175 -13.17 9.46 4.91
N ALA C 176 -13.94 10.31 4.23
CA ALA C 176 -15.19 10.79 4.82
C ALA C 176 -16.22 9.69 4.92
N PHE C 177 -16.33 8.84 3.91
CA PHE C 177 -17.34 7.79 3.97
C PHE C 177 -16.88 6.66 4.90
N ARG C 178 -15.59 6.34 4.85
CA ARG C 178 -14.99 5.37 5.75
C ARG C 178 -15.37 5.69 7.19
N ASP C 179 -15.30 6.98 7.52
CA ASP C 179 -15.49 7.45 8.89
C ASP C 179 -16.97 7.41 9.22
N LEU C 180 -17.79 7.72 8.23
CA LEU C 180 -19.24 7.69 8.39
C LEU C 180 -19.72 6.24 8.64
N VAL C 181 -19.22 5.31 7.84
CA VAL C 181 -19.54 3.89 8.04
C VAL C 181 -19.20 3.41 9.47
N ILE C 182 -18.06 3.84 10.00
CA ILE C 182 -17.67 3.50 11.37
C ILE C 182 -18.57 4.21 12.39
N LYS C 183 -18.99 5.45 12.08
CA LYS C 183 -19.82 6.20 13.02
C LYS C 183 -21.20 5.53 13.13
N HIS C 184 -21.62 4.86 12.06
CA HIS C 184 -22.89 4.14 12.06
C HIS C 184 -22.75 2.77 12.76
N GLY C 185 -21.55 2.44 13.22
CA GLY C 185 -21.33 1.23 14.02
C GLY C 185 -21.08 -0.08 13.28
N ALA C 186 -20.40 -0.03 12.15
CA ALA C 186 -20.23 -1.22 11.31
C ALA C 186 -19.21 -2.21 11.88
N ILE C 187 -18.25 -1.70 12.64
CA ILE C 187 -17.13 -2.52 13.03
C ILE C 187 -17.55 -3.66 13.97
N ASP C 188 -18.45 -3.36 14.92
CA ASP C 188 -18.92 -4.37 15.86
C ASP C 188 -19.51 -5.60 15.14
N PRO C 189 -20.51 -5.39 14.25
CA PRO C 189 -21.03 -6.61 13.63
C PRO C 189 -20.14 -7.24 12.55
N LEU C 190 -19.27 -6.45 11.90
CA LEU C 190 -18.36 -7.04 10.92
C LEU C 190 -17.50 -8.08 11.62
N LEU C 191 -16.86 -7.65 12.70
CA LEU C 191 -15.96 -8.53 13.45
C LEU C 191 -16.68 -9.73 14.03
N ALA C 192 -17.96 -9.58 14.35
CA ALA C 192 -18.75 -10.69 14.91
C ALA C 192 -18.98 -11.81 13.89
N LEU C 193 -18.89 -11.47 12.61
CA LEU C 193 -18.97 -12.49 11.57
C LEU C 193 -17.76 -13.41 11.64
N LEU C 194 -16.65 -12.85 12.11
CA LEU C 194 -15.41 -13.61 12.24
C LEU C 194 -15.22 -14.34 13.58
N ALA C 195 -16.10 -14.08 14.54
CA ALA C 195 -15.99 -14.75 15.83
C ALA C 195 -16.29 -16.26 15.72
N VAL C 196 -15.36 -16.99 15.10
CA VAL C 196 -15.42 -18.45 15.05
C VAL C 196 -14.10 -19.10 15.52
N PRO C 197 -14.19 -20.27 16.17
CA PRO C 197 -13.00 -21.02 16.60
C PRO C 197 -11.98 -21.16 15.46
N ASP C 198 -12.44 -21.60 14.30
CA ASP C 198 -11.54 -21.79 13.17
C ASP C 198 -12.07 -21.13 11.89
N LEU C 199 -11.29 -20.20 11.36
CA LEU C 199 -11.67 -19.44 10.17
C LEU C 199 -11.96 -20.33 8.97
N SER C 200 -11.36 -21.52 8.93
CA SER C 200 -11.52 -22.38 7.76
C SER C 200 -12.92 -22.93 7.59
N THR C 201 -13.77 -22.79 8.61
CA THR C 201 -15.15 -23.24 8.52
C THR C 201 -16.05 -22.22 7.79
N LEU C 202 -15.49 -21.05 7.52
CA LEU C 202 -16.17 -20.03 6.74
C LEU C 202 -15.93 -20.32 5.27
N ALA C 203 -16.86 -19.92 4.41
CA ALA C 203 -16.69 -20.10 2.98
C ALA C 203 -15.64 -19.15 2.41
N CYS C 204 -14.82 -19.65 1.48
CA CYS C 204 -13.77 -18.86 0.83
C CYS C 204 -14.19 -17.46 0.44
N GLY C 205 -15.21 -17.34 -0.39
CA GLY C 205 -15.65 -16.05 -0.88
C GLY C 205 -16.12 -15.12 0.23
N TYR C 206 -16.89 -15.68 1.14
CA TYR C 206 -17.32 -14.94 2.35
C TYR C 206 -16.16 -14.28 3.07
N LEU C 207 -15.27 -15.12 3.58
CA LEU C 207 -14.05 -14.68 4.23
C LEU C 207 -13.26 -13.66 3.41
N ARG C 208 -13.04 -13.96 2.13
CA ARG C 208 -12.31 -13.02 1.27
C ARG C 208 -13.00 -11.66 1.20
N ASN C 209 -14.32 -11.64 1.00
CA ASN C 209 -15.06 -10.39 0.97
C ASN C 209 -14.92 -9.63 2.28
N LEU C 210 -14.99 -10.39 3.36
CA LEU C 210 -15.02 -9.79 4.66
C LEU C 210 -13.67 -9.15 4.93
N THR C 211 -12.62 -9.80 4.44
CA THR C 211 -11.26 -9.30 4.57
C THR C 211 -11.05 -8.03 3.75
N TRP C 212 -11.47 -8.06 2.48
CA TRP C 212 -11.38 -6.89 1.63
C TRP C 212 -12.04 -5.66 2.29
N THR C 213 -13.20 -5.84 2.91
CA THR C 213 -13.92 -4.69 3.47
C THR C 213 -13.18 -4.12 4.68
N LEU C 214 -12.77 -4.99 5.61
CA LEU C 214 -11.97 -4.59 6.77
C LEU C 214 -10.74 -3.81 6.34
N SER C 215 -10.18 -4.29 5.24
CA SER C 215 -9.05 -3.65 4.63
C SER C 215 -9.41 -2.21 4.18
N ASN C 216 -10.62 -1.97 3.68
CA ASN C 216 -10.98 -0.59 3.27
C ASN C 216 -11.29 0.31 4.44
N LEU C 217 -11.56 -0.28 5.59
CA LEU C 217 -11.76 0.51 6.80
C LEU C 217 -10.42 0.95 7.42
N CYS C 218 -9.32 0.43 6.88
CA CYS C 218 -8.00 0.81 7.36
C CYS C 218 -7.34 1.81 6.40
N ARG C 219 -7.87 1.83 5.18
CA ARG C 219 -7.29 2.58 4.09
C ARG C 219 -7.59 4.07 4.23
N ASN C 220 -6.87 4.86 3.44
CA ASN C 220 -7.18 6.23 3.01
C ASN C 220 -6.43 7.32 3.70
N LYS C 221 -5.67 6.98 4.76
CA LYS C 221 -4.76 7.95 5.43
C LYS C 221 -5.47 9.25 5.84
N ASN C 222 -4.89 10.40 5.52
CA ASN C 222 -5.37 11.65 6.13
C ASN C 222 -6.78 12.12 5.78
N PRO C 223 -7.65 12.17 6.81
CA PRO C 223 -7.37 11.71 8.20
C PRO C 223 -7.31 10.19 8.37
N ALA C 224 -6.23 9.69 8.93
CA ALA C 224 -6.10 8.27 9.28
C ALA C 224 -7.26 7.77 10.15
N PRO C 225 -7.56 6.45 10.09
CA PRO C 225 -8.73 5.94 10.82
C PRO C 225 -8.57 6.16 12.32
N PRO C 226 -9.68 6.36 13.05
CA PRO C 226 -9.65 6.62 14.49
C PRO C 226 -8.86 5.57 15.29
N LEU C 227 -7.94 6.02 16.14
CA LEU C 227 -7.10 5.10 16.91
C LEU C 227 -7.91 4.01 17.59
N ASP C 228 -9.11 4.39 18.04
CA ASP C 228 -10.03 3.50 18.75
C ASP C 228 -10.51 2.36 17.82
N ALA C 229 -10.85 2.69 16.58
CA ALA C 229 -11.28 1.67 15.63
C ALA C 229 -10.11 0.71 15.26
N VAL C 230 -8.92 1.27 15.11
CA VAL C 230 -7.72 0.50 14.83
C VAL C 230 -7.43 -0.49 15.96
N GLU C 231 -7.60 -0.06 17.21
CA GLU C 231 -7.25 -0.91 18.35
C GLU C 231 -8.11 -2.16 18.34
N GLN C 232 -9.32 -1.99 17.83
CA GLN C 232 -10.37 -2.99 17.86
C GLN C 232 -10.27 -3.99 16.72
N ILE C 233 -9.72 -3.51 15.61
CA ILE C 233 -9.62 -4.26 14.37
C ILE C 233 -8.34 -5.09 14.34
N LEU C 234 -7.29 -4.57 14.99
CA LEU C 234 -5.99 -5.24 14.93
C LEU C 234 -5.99 -6.72 15.36
N PRO C 235 -6.70 -7.08 16.46
CA PRO C 235 -6.67 -8.51 16.79
C PRO C 235 -7.21 -9.39 15.67
N THR C 236 -8.30 -8.98 15.02
CA THR C 236 -8.87 -9.77 13.94
C THR C 236 -7.96 -9.76 12.73
N LEU C 237 -7.28 -8.64 12.56
CA LEU C 237 -6.35 -8.52 11.45
C LEU C 237 -5.19 -9.49 11.62
N VAL C 238 -4.67 -9.56 12.84
CA VAL C 238 -3.50 -10.38 13.11
C VAL C 238 -3.85 -11.83 12.89
N ARG C 239 -5.10 -12.14 13.20
CA ARG C 239 -5.60 -13.47 13.03
C ARG C 239 -5.69 -13.84 11.56
N LEU C 240 -6.14 -12.90 10.71
CA LEU C 240 -6.27 -13.14 9.27
C LEU C 240 -4.91 -13.26 8.59
N LEU C 241 -3.94 -12.55 9.16
CA LEU C 241 -2.58 -12.58 8.69
C LEU C 241 -1.97 -13.99 8.74
N HIS C 242 -2.63 -14.89 9.47
CA HIS C 242 -2.16 -16.26 9.67
C HIS C 242 -2.99 -17.32 8.95
N HIS C 243 -4.04 -16.88 8.26
CA HIS C 243 -4.90 -17.79 7.51
C HIS C 243 -4.20 -18.23 6.23
N ASN C 244 -4.28 -19.49 5.82
CA ASN C 244 -3.65 -19.90 4.56
C ASN C 244 -4.58 -19.81 3.34
N ASP C 245 -4.76 -18.59 2.84
CA ASP C 245 -5.43 -18.35 1.58
C ASP C 245 -4.72 -17.14 1.00
N PRO C 246 -4.15 -17.26 -0.21
CA PRO C 246 -3.33 -16.15 -0.72
C PRO C 246 -4.11 -14.82 -0.81
N GLU C 247 -5.39 -14.84 -1.22
CA GLU C 247 -6.17 -13.62 -1.31
C GLU C 247 -6.42 -12.96 0.05
N VAL C 248 -6.72 -13.77 1.07
CA VAL C 248 -6.93 -13.26 2.42
C VAL C 248 -5.60 -12.67 2.92
N LEU C 249 -4.51 -13.40 2.79
CA LEU C 249 -3.18 -12.90 3.17
C LEU C 249 -2.80 -11.61 2.42
N ALA C 250 -3.13 -11.53 1.13
CA ALA C 250 -2.87 -10.32 0.35
C ALA C 250 -3.57 -9.09 0.96
N ASP C 251 -4.85 -9.21 1.25
CA ASP C 251 -5.63 -8.06 1.68
C ASP C 251 -5.33 -7.73 3.16
N SER C 252 -5.00 -8.74 3.94
CA SER C 252 -4.45 -8.54 5.28
C SER C 252 -3.15 -7.69 5.29
N CYS C 253 -2.18 -8.10 4.48
CA CYS C 253 -0.97 -7.31 4.35
C CYS C 253 -1.24 -5.89 3.89
N TRP C 254 -2.17 -5.73 2.94
CA TRP C 254 -2.53 -4.39 2.46
C TRP C 254 -3.04 -3.54 3.64
N ALA C 255 -3.87 -4.14 4.48
CA ALA C 255 -4.41 -3.45 5.65
C ALA C 255 -3.26 -2.97 6.56
N ILE C 256 -2.45 -3.90 7.08
CA ILE C 256 -1.24 -3.58 7.86
C ILE C 256 -0.44 -2.49 7.17
N SER C 257 -0.24 -2.66 5.88
CA SER C 257 0.45 -1.68 5.07
C SER C 257 -0.23 -0.30 5.20
N TYR C 258 -1.56 -0.28 5.15
CA TYR C 258 -2.30 0.98 5.27
C TYR C 258 -2.08 1.58 6.66
N LEU C 259 -2.30 0.78 7.69
CA LEU C 259 -2.11 1.20 9.07
C LEU C 259 -0.70 1.74 9.39
N THR C 260 0.34 1.13 8.83
CA THR C 260 1.70 1.48 9.26
C THR C 260 2.26 2.66 8.48
N ASP C 261 1.52 3.10 7.47
CA ASP C 261 1.83 4.36 6.80
C ASP C 261 1.58 5.51 7.82
N GLY C 262 2.39 6.56 7.79
CA GLY C 262 2.21 7.68 8.71
C GLY C 262 3.05 7.68 9.99
N PRO C 263 2.63 8.47 10.98
CA PRO C 263 3.29 8.73 12.28
C PRO C 263 3.79 7.49 13.03
N ASN C 264 4.93 7.61 13.71
CA ASN C 264 5.53 6.45 14.39
C ASN C 264 4.66 5.89 15.53
N GLU C 265 3.75 6.70 16.06
CA GLU C 265 2.84 6.22 17.10
C GLU C 265 1.94 5.14 16.49
N ARG C 266 1.51 5.36 15.25
CA ARG C 266 0.71 4.37 14.50
C ARG C 266 1.47 3.07 14.26
N ILE C 267 2.74 3.18 13.87
CA ILE C 267 3.62 2.03 13.67
C ILE C 267 3.70 1.19 14.93
N GLU C 268 3.77 1.88 16.07
CA GLU C 268 4.01 1.20 17.33
C GLU C 268 2.87 0.27 17.68
N MET C 269 1.66 0.76 17.43
CA MET C 269 0.44 0.00 17.62
C MET C 269 0.53 -1.39 16.99
N VAL C 270 0.91 -1.39 15.72
CA VAL C 270 1.00 -2.60 14.93
C VAL C 270 2.13 -3.48 15.47
N VAL C 271 3.34 -2.91 15.53
CA VAL C 271 4.53 -3.67 15.92
C VAL C 271 4.41 -4.33 17.31
N LYS C 272 3.74 -3.64 18.22
CA LYS C 272 3.46 -4.17 19.56
C LYS C 272 2.50 -5.37 19.53
N LYS C 273 1.82 -5.61 18.40
CA LYS C 273 0.99 -6.83 18.27
C LYS C 273 1.82 -8.02 17.84
N GLY C 274 3.12 -7.79 17.66
CA GLY C 274 4.08 -8.81 17.23
C GLY C 274 3.81 -9.47 15.89
N VAL C 275 3.47 -8.67 14.88
CA VAL C 275 3.21 -9.23 13.55
C VAL C 275 4.44 -9.22 12.63
N VAL C 276 5.47 -8.51 13.07
CA VAL C 276 6.67 -8.32 12.25
C VAL C 276 7.29 -9.66 11.84
N PRO C 277 7.36 -10.65 12.76
CA PRO C 277 7.76 -11.98 12.31
C PRO C 277 6.96 -12.54 11.14
N GLN C 278 5.64 -12.67 11.31
CA GLN C 278 4.77 -13.20 10.26
C GLN C 278 4.88 -12.43 8.92
N LEU C 279 5.00 -11.10 8.99
CA LEU C 279 5.26 -10.26 7.82
C LEU C 279 6.50 -10.69 7.02
N VAL C 280 7.55 -11.05 7.74
CA VAL C 280 8.77 -11.49 7.07
C VAL C 280 8.58 -12.87 6.44
N LYS C 281 7.84 -13.79 7.06
CA LYS C 281 7.55 -15.06 6.36
C LYS C 281 6.83 -14.75 5.03
N LEU C 282 5.87 -13.84 5.09
CA LEU C 282 5.14 -13.42 3.89
C LEU C 282 6.08 -12.75 2.90
N LEU C 283 7.14 -12.13 3.41
CA LEU C 283 8.09 -11.47 2.53
C LEU C 283 8.78 -12.48 1.62
N GLY C 284 8.84 -13.73 2.05
CA GLY C 284 9.48 -14.78 1.29
C GLY C 284 8.50 -15.60 0.49
N ALA C 285 7.24 -15.17 0.46
CA ALA C 285 6.25 -15.85 -0.35
C ALA C 285 6.64 -15.83 -1.83
N THR C 286 5.91 -16.62 -2.61
CA THR C 286 6.23 -16.77 -4.01
C THR C 286 5.15 -16.08 -4.84
N GLU C 287 3.99 -15.82 -4.22
CA GLU C 287 2.90 -15.10 -4.87
C GLU C 287 3.13 -13.58 -4.76
N LEU C 288 3.42 -12.94 -5.89
CA LEU C 288 3.63 -11.49 -5.91
C LEU C 288 2.46 -10.64 -5.39
N PRO C 289 1.21 -11.15 -5.50
CA PRO C 289 0.16 -10.39 -4.83
C PRO C 289 0.32 -10.34 -3.31
N ILE C 290 1.04 -11.31 -2.73
CA ILE C 290 1.33 -11.29 -1.30
C ILE C 290 2.59 -10.50 -0.98
N VAL C 291 3.66 -10.76 -1.74
CA VAL C 291 4.93 -10.10 -1.46
C VAL C 291 4.78 -8.59 -1.54
N THR C 292 4.02 -8.09 -2.50
CA THR C 292 4.02 -6.64 -2.66
C THR C 292 3.52 -5.88 -1.41
N PRO C 293 2.31 -6.21 -0.90
CA PRO C 293 1.91 -5.47 0.31
C PRO C 293 2.76 -5.83 1.55
N ALA C 294 3.16 -7.09 1.70
CA ALA C 294 4.10 -7.48 2.75
C ALA C 294 5.36 -6.59 2.75
N LEU C 295 5.95 -6.41 1.57
CA LEU C 295 7.12 -5.54 1.43
C LEU C 295 6.80 -4.09 1.76
N ARG C 296 5.63 -3.58 1.36
CA ARG C 296 5.34 -2.18 1.70
C ARG C 296 5.09 -1.99 3.18
N ALA C 297 4.63 -3.03 3.87
CA ALA C 297 4.43 -2.97 5.30
C ALA C 297 5.78 -2.85 6.00
N ILE C 298 6.66 -3.82 5.75
CA ILE C 298 8.02 -3.82 6.31
C ILE C 298 8.72 -2.48 6.03
N GLY C 299 8.65 -2.02 4.79
CA GLY C 299 9.23 -0.74 4.43
C GLY C 299 8.65 0.46 5.16
N ASN C 300 7.40 0.38 5.60
CA ASN C 300 6.78 1.46 6.37
C ASN C 300 7.29 1.47 7.79
N ILE C 301 7.40 0.26 8.34
CA ILE C 301 7.86 0.05 9.69
C ILE C 301 9.28 0.60 9.89
N VAL C 302 10.12 0.46 8.88
CA VAL C 302 11.52 0.88 9.06
C VAL C 302 11.69 2.36 8.71
N THR C 303 10.61 3.11 8.59
CA THR C 303 10.80 4.55 8.54
C THR C 303 10.67 5.10 9.96
N GLY C 304 10.20 4.26 10.88
CA GLY C 304 10.07 4.68 12.27
C GLY C 304 11.34 4.73 13.11
N THR C 305 11.17 4.58 14.42
CA THR C 305 12.29 4.67 15.34
C THR C 305 13.29 3.53 15.13
N ASP C 306 14.51 3.73 15.63
CA ASP C 306 15.54 2.72 15.56
C ASP C 306 15.09 1.42 16.22
N GLU C 307 14.30 1.54 17.29
CA GLU C 307 13.90 0.36 18.03
C GLU C 307 12.88 -0.42 17.19
N GLN C 308 12.09 0.33 16.42
CA GLN C 308 11.09 -0.25 15.51
C GLN C 308 11.77 -0.94 14.34
N THR C 309 12.74 -0.25 13.74
CA THR C 309 13.62 -0.82 12.69
C THR C 309 14.28 -2.13 13.13
N GLN C 310 14.81 -2.16 14.35
CA GLN C 310 15.52 -3.32 14.86
C GLN C 310 14.63 -4.53 15.02
N LYS C 311 13.31 -4.33 15.14
CA LYS C 311 12.37 -5.46 15.20
C LYS C 311 12.38 -6.22 13.86
N VAL C 312 12.56 -5.46 12.79
CA VAL C 312 12.55 -5.97 11.44
C VAL C 312 13.83 -6.76 11.15
N ILE C 313 14.97 -6.11 11.37
CA ILE C 313 16.26 -6.77 11.33
C ILE C 313 16.31 -8.02 12.24
N ASP C 314 15.93 -7.85 13.51
CA ASP C 314 15.95 -8.97 14.46
C ASP C 314 15.12 -10.13 13.91
N ALA C 315 14.06 -9.80 13.17
CA ALA C 315 13.17 -10.82 12.61
C ALA C 315 13.73 -11.51 11.34
N GLY C 316 14.90 -11.08 10.88
CA GLY C 316 15.57 -11.78 9.80
C GLY C 316 15.22 -11.29 8.40
N ALA C 317 14.71 -10.07 8.32
CA ALA C 317 14.25 -9.56 7.04
C ALA C 317 15.38 -9.49 6.01
N LEU C 318 16.57 -9.09 6.46
CA LEU C 318 17.68 -8.83 5.54
C LEU C 318 18.07 -10.07 4.69
N ALA C 319 17.83 -11.27 5.22
CA ALA C 319 18.08 -12.50 4.48
C ALA C 319 17.26 -12.64 3.19
N VAL C 320 16.18 -11.87 3.05
CA VAL C 320 15.28 -12.01 1.90
C VAL C 320 15.65 -11.02 0.79
N PHE C 321 16.52 -10.08 1.10
CA PHE C 321 16.72 -8.97 0.17
C PHE C 321 17.56 -9.21 -1.08
N PRO C 322 18.49 -10.19 -1.07
CA PRO C 322 19.12 -10.51 -2.36
C PRO C 322 18.08 -10.87 -3.42
N SER C 323 17.11 -11.69 -3.02
CA SER C 323 15.98 -11.97 -3.88
C SER C 323 15.20 -10.69 -4.28
N LEU C 324 14.83 -9.87 -3.29
CA LEU C 324 14.04 -8.66 -3.55
C LEU C 324 14.77 -7.57 -4.36
N LEU C 325 16.07 -7.40 -4.17
CA LEU C 325 16.78 -6.36 -4.89
C LEU C 325 17.16 -6.80 -6.32
N THR C 326 16.91 -8.06 -6.68
CA THR C 326 17.15 -8.52 -8.07
C THR C 326 15.86 -9.02 -8.71
N ASN C 327 14.74 -8.66 -8.09
CA ASN C 327 13.45 -9.14 -8.53
C ASN C 327 13.09 -8.54 -9.90
N PRO C 328 12.63 -9.38 -10.81
CA PRO C 328 12.19 -8.95 -12.16
C PRO C 328 11.09 -7.89 -12.13
N LYS C 329 10.08 -8.00 -11.25
CA LYS C 329 9.06 -6.95 -11.14
C LYS C 329 9.67 -5.65 -10.61
N THR C 330 9.80 -4.67 -11.50
CA THR C 330 10.33 -3.34 -11.17
C THR C 330 9.77 -2.75 -9.89
N ASN C 331 8.44 -2.78 -9.71
CA ASN C 331 7.82 -2.20 -8.51
C ASN C 331 8.41 -2.81 -7.22
N ILE C 332 8.73 -4.10 -7.24
CA ILE C 332 9.38 -4.73 -6.07
C ILE C 332 10.77 -4.15 -5.81
N GLN C 333 11.58 -4.14 -6.86
CA GLN C 333 12.95 -3.62 -6.79
C GLN C 333 13.02 -2.20 -6.20
N LYS C 334 12.21 -1.30 -6.75
CA LYS C 334 12.12 0.07 -6.28
C LYS C 334 11.76 0.17 -4.79
N GLU C 335 10.82 -0.63 -4.31
CA GLU C 335 10.40 -0.55 -2.91
C GLU C 335 11.34 -1.24 -1.96
N ALA C 336 12.07 -2.24 -2.45
CA ALA C 336 13.09 -2.93 -1.68
C ALA C 336 14.29 -2.01 -1.47
N THR C 337 14.62 -1.23 -2.49
CA THR C 337 15.76 -0.34 -2.38
C THR C 337 15.41 0.82 -1.45
N TRP C 338 14.19 1.32 -1.57
CA TRP C 338 13.68 2.33 -0.65
C TRP C 338 13.78 1.84 0.79
N THR C 339 13.36 0.59 1.02
CA THR C 339 13.48 0.01 2.35
C THR C 339 14.95 0.02 2.82
N MET C 340 15.86 -0.35 1.93
CA MET C 340 17.28 -0.38 2.26
C MET C 340 17.77 0.99 2.68
N SER C 341 17.34 2.03 1.96
CA SER C 341 17.76 3.39 2.26
C SER C 341 17.31 3.81 3.66
N ASN C 342 16.18 3.31 4.13
CA ASN C 342 15.78 3.69 5.48
C ASN C 342 16.34 2.76 6.52
N ILE C 343 17.07 1.74 6.10
CA ILE C 343 17.83 0.98 7.09
C ILE C 343 19.24 1.54 7.19
N THR C 344 19.80 1.94 6.05
CA THR C 344 21.15 2.50 6.04
C THR C 344 21.09 3.91 6.62
N ALA C 345 19.88 4.41 6.78
CA ALA C 345 19.71 5.65 7.52
C ALA C 345 19.49 5.36 9.01
N GLY C 346 20.11 4.30 9.51
CA GLY C 346 19.98 3.97 10.91
C GLY C 346 21.29 3.97 11.71
N ARG C 347 21.24 3.27 12.84
CA ARG C 347 22.40 3.05 13.70
C ARG C 347 23.56 2.32 13.01
N GLN C 348 24.77 2.59 13.47
CA GLN C 348 25.94 1.88 12.96
C GLN C 348 25.88 0.39 13.26
N ASP C 349 25.29 0.03 14.40
CA ASP C 349 24.98 -1.37 14.67
C ASP C 349 24.17 -1.93 13.49
N GLN C 350 23.23 -1.13 12.98
CA GLN C 350 22.23 -1.60 12.04
C GLN C 350 22.75 -1.57 10.60
N ILE C 351 23.54 -0.55 10.29
CA ILE C 351 24.26 -0.53 9.03
C ILE C 351 25.16 -1.77 8.90
N GLN C 352 25.76 -2.17 10.02
CA GLN C 352 26.70 -3.28 10.00
C GLN C 352 25.94 -4.56 9.67
N GLN C 353 24.67 -4.61 10.03
CA GLN C 353 23.87 -5.79 9.69
C GLN C 353 23.64 -5.84 8.17
N VAL C 354 23.48 -4.67 7.55
CA VAL C 354 23.39 -4.59 6.10
C VAL C 354 24.67 -5.17 5.52
N VAL C 355 25.80 -4.76 6.05
CA VAL C 355 27.09 -5.27 5.62
C VAL C 355 27.22 -6.79 5.74
N ASN C 356 26.92 -7.33 6.93
CA ASN C 356 27.12 -8.77 7.20
C ASN C 356 26.27 -9.67 6.34
N HIS C 357 25.13 -9.15 5.87
CA HIS C 357 24.28 -9.95 5.01
C HIS C 357 24.72 -9.82 3.55
N GLY C 358 25.79 -9.07 3.34
CA GLY C 358 26.40 -8.94 2.03
C GLY C 358 25.48 -8.21 1.10
N LEU C 359 24.80 -7.22 1.63
CA LEU C 359 23.84 -6.47 0.83
C LEU C 359 24.50 -5.33 0.09
N VAL C 360 25.69 -4.90 0.52
CA VAL C 360 26.29 -3.75 -0.14
C VAL C 360 26.55 -4.08 -1.63
N PRO C 361 27.08 -5.29 -1.94
CA PRO C 361 27.17 -5.62 -3.37
C PRO C 361 25.86 -5.49 -4.15
N PHE C 362 24.71 -5.77 -3.52
CA PHE C 362 23.43 -5.68 -4.24
C PHE C 362 23.04 -4.24 -4.50
N LEU C 363 23.31 -3.37 -3.53
CA LEU C 363 23.13 -1.92 -3.72
C LEU C 363 23.99 -1.36 -4.86
N VAL C 364 25.28 -1.67 -4.83
CA VAL C 364 26.17 -1.39 -5.96
C VAL C 364 25.58 -1.89 -7.27
N GLY C 365 25.01 -3.10 -7.23
CA GLY C 365 24.33 -3.70 -8.37
C GLY C 365 23.15 -2.88 -8.91
N VAL C 366 22.24 -2.49 -8.01
CA VAL C 366 21.11 -1.63 -8.36
C VAL C 366 21.54 -0.25 -8.85
N LEU C 367 22.51 0.36 -8.19
CA LEU C 367 23.08 1.63 -8.64
C LEU C 367 23.57 1.51 -10.08
N SER C 368 24.18 0.38 -10.39
CA SER C 368 24.70 0.14 -11.72
C SER C 368 23.62 0.05 -12.81
N LYS C 369 22.58 -0.73 -12.59
CA LYS C 369 21.65 -1.08 -13.67
C LYS C 369 20.27 -1.47 -13.16
N ALA C 370 19.47 -0.46 -12.82
CA ALA C 370 18.06 -0.65 -12.59
C ALA C 370 17.38 0.40 -13.43
N ASP C 371 16.07 0.53 -13.33
CA ASP C 371 15.43 1.65 -14.00
C ASP C 371 15.56 2.84 -13.04
N PHE C 372 15.34 4.05 -13.56
CA PHE C 372 15.82 5.26 -12.87
C PHE C 372 15.23 5.46 -11.49
N LYS C 373 13.92 5.24 -11.36
CA LYS C 373 13.25 5.45 -10.07
C LYS C 373 13.93 4.58 -8.98
N THR C 374 14.34 3.37 -9.34
CA THR C 374 15.05 2.46 -8.43
C THR C 374 16.46 2.96 -8.12
N GLN C 375 17.17 3.44 -9.14
CA GLN C 375 18.49 4.07 -8.95
C GLN C 375 18.42 5.30 -8.04
N LYS C 376 17.34 6.08 -8.16
CA LYS C 376 17.14 7.25 -7.31
C LYS C 376 17.08 6.84 -5.81
N GLU C 377 16.46 5.69 -5.56
CA GLU C 377 16.37 5.20 -4.20
C GLU C 377 17.70 4.64 -3.73
N ALA C 378 18.50 4.18 -4.69
CA ALA C 378 19.77 3.55 -4.38
C ALA C 378 20.80 4.60 -3.98
N ALA C 379 20.70 5.77 -4.61
CA ALA C 379 21.51 6.92 -4.23
C ALA C 379 21.29 7.28 -2.75
N TRP C 380 20.02 7.38 -2.35
CA TRP C 380 19.67 7.67 -0.97
C TRP C 380 20.24 6.63 -0.02
N ALA C 381 20.11 5.36 -0.41
CA ALA C 381 20.74 4.27 0.32
C ALA C 381 22.22 4.57 0.58
N ILE C 382 22.94 5.00 -0.46
CA ILE C 382 24.37 5.26 -0.34
C ILE C 382 24.65 6.55 0.45
N THR C 383 23.91 7.62 0.16
CA THR C 383 24.08 8.86 0.92
C THR C 383 23.80 8.63 2.41
N ASN C 384 22.71 7.94 2.73
CA ASN C 384 22.39 7.67 4.14
C ASN C 384 23.47 6.82 4.82
N TYR C 385 24.02 5.87 4.08
CA TYR C 385 25.06 4.97 4.57
C TYR C 385 26.34 5.73 4.89
N THR C 386 26.74 6.61 3.97
CA THR C 386 27.94 7.43 4.18
C THR C 386 27.74 8.54 5.21
N SER C 387 26.49 8.77 5.62
CA SER C 387 26.19 9.78 6.63
C SER C 387 26.39 9.22 8.04
N GLY C 388 25.97 7.98 8.25
CA GLY C 388 26.04 7.38 9.56
C GLY C 388 27.12 6.36 9.81
N GLY C 389 27.93 6.00 8.81
CA GLY C 389 28.89 4.91 8.94
C GLY C 389 30.26 5.13 9.61
N THR C 390 30.82 4.03 10.15
CA THR C 390 32.23 3.93 10.55
C THR C 390 33.16 4.49 9.46
N VAL C 391 34.39 4.83 9.83
CA VAL C 391 35.47 4.93 8.87
C VAL C 391 35.54 3.62 8.06
N GLU C 392 35.74 2.51 8.76
CA GLU C 392 35.85 1.19 8.13
C GLU C 392 34.66 0.86 7.18
N GLN C 393 33.46 1.30 7.55
CA GLN C 393 32.27 1.03 6.74
C GLN C 393 32.27 1.80 5.41
N ILE C 394 32.66 3.07 5.42
CA ILE C 394 32.75 3.83 4.15
C ILE C 394 33.87 3.26 3.27
N VAL C 395 34.92 2.70 3.89
CA VAL C 395 35.99 2.07 3.10
C VAL C 395 35.48 0.82 2.37
N TYR C 396 34.72 0.00 3.09
CA TYR C 396 34.12 -1.19 2.53
C TYR C 396 33.25 -0.85 1.32
N LEU C 397 32.43 0.18 1.46
CA LEU C 397 31.54 0.63 0.40
C LEU C 397 32.34 0.96 -0.86
N VAL C 398 33.47 1.63 -0.67
CA VAL C 398 34.33 1.96 -1.79
C VAL C 398 34.96 0.69 -2.38
N HIS C 399 35.48 -0.18 -1.52
CA HIS C 399 36.07 -1.46 -1.95
C HIS C 399 35.05 -2.39 -2.64
N CYS C 400 33.75 -2.16 -2.48
CA CYS C 400 32.74 -2.97 -3.19
C CYS C 400 32.45 -2.40 -4.56
N GLY C 401 33.12 -1.29 -4.89
CA GLY C 401 33.07 -0.74 -6.23
C GLY C 401 31.99 0.30 -6.41
N ILE C 402 31.77 1.14 -5.40
CA ILE C 402 30.69 2.12 -5.42
C ILE C 402 30.95 3.36 -6.31
N ILE C 403 32.21 3.71 -6.53
CA ILE C 403 32.56 4.98 -7.17
C ILE C 403 32.23 5.06 -8.67
N GLU C 404 32.57 4.00 -9.41
CA GLU C 404 32.31 4.01 -10.86
C GLU C 404 30.83 4.21 -11.19
N PRO C 405 29.90 3.43 -10.62
CA PRO C 405 28.50 3.64 -11.00
C PRO C 405 27.85 4.86 -10.35
N LEU C 406 28.44 5.37 -9.26
CA LEU C 406 27.96 6.61 -8.63
C LEU C 406 28.17 7.77 -9.60
N MET C 407 29.29 7.75 -10.33
CA MET C 407 29.61 8.82 -11.27
C MET C 407 28.71 8.83 -12.51
N ASN C 408 28.39 7.66 -13.07
CA ASN C 408 27.54 7.57 -14.25
C ASN C 408 26.22 8.28 -14.07
N LEU C 409 25.77 8.31 -12.81
CA LEU C 409 24.50 8.92 -12.45
C LEU C 409 24.64 10.41 -12.18
N LEU C 410 25.85 10.96 -12.34
CA LEU C 410 26.03 12.40 -12.29
C LEU C 410 25.61 13.00 -13.63
N SER C 411 25.28 12.14 -14.58
CA SER C 411 24.88 12.55 -15.91
C SER C 411 23.37 12.39 -16.11
N ALA C 412 22.60 12.74 -15.09
CA ALA C 412 21.17 12.47 -15.10
C ALA C 412 20.32 13.74 -15.06
N LYS C 413 19.27 13.77 -15.87
CA LYS C 413 18.41 14.93 -15.94
C LYS C 413 17.52 15.01 -14.72
N ASP C 414 18.09 15.37 -13.58
CA ASP C 414 17.30 15.42 -12.37
C ASP C 414 18.32 16.16 -11.56
N THR C 415 17.85 17.00 -10.66
CA THR C 415 18.74 17.80 -9.86
C THR C 415 18.62 17.01 -8.57
N LYS C 416 17.42 16.61 -8.24
CA LYS C 416 17.23 15.98 -6.93
C LYS C 416 18.29 14.91 -6.67
N ILE C 417 18.51 14.03 -7.64
CA ILE C 417 19.49 12.95 -7.45
C ILE C 417 20.92 13.49 -7.43
N ILE C 418 21.23 14.46 -8.28
CA ILE C 418 22.58 15.04 -8.31
C ILE C 418 22.97 15.59 -6.93
N GLN C 419 22.01 16.30 -6.31
CA GLN C 419 22.17 16.81 -4.95
C GLN C 419 22.51 15.70 -3.97
N VAL C 420 21.86 14.58 -4.14
CA VAL C 420 22.06 13.40 -3.31
C VAL C 420 23.44 12.76 -3.51
N ILE C 421 23.84 12.59 -4.77
CA ILE C 421 25.09 11.92 -5.04
C ILE C 421 26.26 12.77 -4.59
N LEU C 422 26.16 14.08 -4.83
CA LEU C 422 27.23 15.02 -4.47
C LEU C 422 27.45 15.02 -2.96
N ASP C 423 26.35 15.00 -2.21
CA ASP C 423 26.46 14.94 -0.76
C ASP C 423 27.14 13.64 -0.34
N ALA C 424 26.88 12.56 -1.08
CA ALA C 424 27.48 11.24 -0.79
C ALA C 424 28.96 11.25 -1.06
N ILE C 425 29.31 11.75 -2.24
CA ILE C 425 30.69 11.86 -2.67
C ILE C 425 31.48 12.68 -1.65
N SER C 426 30.84 13.73 -1.14
CA SER C 426 31.42 14.51 -0.05
C SER C 426 31.80 13.63 1.16
N ASN C 427 30.83 12.96 1.78
CA ASN C 427 31.09 12.17 3.00
C ASN C 427 32.18 11.11 2.84
N ILE C 428 32.39 10.63 1.62
CA ILE C 428 33.44 9.65 1.37
C ILE C 428 34.79 10.33 1.53
N PHE C 429 34.92 11.50 0.88
CA PHE C 429 36.11 12.35 0.99
C PHE C 429 36.42 12.75 2.43
N GLN C 430 35.40 13.08 3.20
CA GLN C 430 35.60 13.43 4.61
C GLN C 430 36.18 12.26 5.40
N ALA C 431 35.76 11.05 5.07
CA ALA C 431 36.34 9.88 5.69
C ALA C 431 37.74 9.61 5.09
N ALA C 432 37.98 10.12 3.89
CA ALA C 432 39.30 10.00 3.26
C ALA C 432 40.33 10.92 3.92
N GLU C 433 39.86 12.07 4.40
CA GLU C 433 40.71 13.01 5.14
C GLU C 433 41.08 12.43 6.51
N LYS C 434 40.14 11.76 7.17
CA LYS C 434 40.38 11.18 8.50
C LYS C 434 41.33 9.98 8.48
N LEU C 435 41.64 9.49 7.28
CA LEU C 435 42.53 8.34 7.14
C LEU C 435 43.69 8.68 6.21
N GLY C 436 43.75 9.95 5.81
CA GLY C 436 44.77 10.46 4.92
C GLY C 436 44.90 9.66 3.63
N GLU C 437 43.83 9.64 2.82
CA GLU C 437 43.88 8.90 1.59
C GLU C 437 43.17 9.63 0.47
N THR C 438 42.91 10.94 0.67
CA THR C 438 42.15 11.73 -0.31
C THR C 438 42.88 11.83 -1.66
N GLU C 439 44.17 11.52 -1.65
CA GLU C 439 44.94 11.42 -2.88
C GLU C 439 44.42 10.24 -3.73
N LYS C 440 44.49 9.03 -3.17
CA LYS C 440 44.06 7.82 -3.87
C LYS C 440 42.59 7.91 -4.31
N LEU C 441 41.77 8.52 -3.48
CA LEU C 441 40.36 8.67 -3.78
C LEU C 441 40.10 9.61 -4.96
N SER C 442 40.78 10.74 -5.01
CA SER C 442 40.58 11.70 -6.09
C SER C 442 41.05 11.13 -7.42
N ILE C 443 42.02 10.21 -7.37
CA ILE C 443 42.48 9.51 -8.56
C ILE C 443 41.37 8.66 -9.18
N MET C 444 40.79 7.81 -8.36
CA MET C 444 39.68 6.94 -8.78
C MET C 444 38.63 7.73 -9.52
N ILE C 445 38.17 8.82 -8.88
CA ILE C 445 37.13 9.66 -9.42
C ILE C 445 37.50 10.25 -10.78
N GLU C 446 38.79 10.55 -10.96
CA GLU C 446 39.28 11.04 -12.26
C GLU C 446 39.46 9.89 -13.26
N GLU C 447 39.98 8.76 -12.78
CA GLU C 447 40.31 7.61 -13.64
C GLU C 447 39.07 6.93 -14.23
N CYS C 448 37.89 7.29 -13.74
CA CYS C 448 36.65 6.68 -14.20
C CYS C 448 35.75 7.73 -14.87
N GLY C 449 36.27 8.95 -14.98
CA GLY C 449 35.60 10.02 -15.72
C GLY C 449 34.68 10.89 -14.87
N GLY C 450 34.85 10.79 -13.56
CA GLY C 450 33.98 11.48 -12.64
C GLY C 450 34.17 12.99 -12.69
N LEU C 451 35.42 13.42 -12.85
CA LEU C 451 35.76 14.83 -12.83
C LEU C 451 35.36 15.53 -14.11
N ASP C 452 35.44 14.81 -15.23
CA ASP C 452 34.83 15.30 -16.47
C ASP C 452 33.38 15.70 -16.17
N LYS C 453 32.65 14.81 -15.51
CA LYS C 453 31.25 15.06 -15.10
C LYS C 453 31.12 16.17 -14.04
N ILE C 454 31.81 16.04 -12.90
CA ILE C 454 31.65 16.98 -11.78
C ILE C 454 31.90 18.43 -12.17
N GLU C 455 33.01 18.66 -12.87
CA GLU C 455 33.39 20.01 -13.29
C GLU C 455 32.23 20.73 -14.01
N ALA C 456 31.67 20.05 -15.02
CA ALA C 456 30.62 20.64 -15.86
C ALA C 456 29.33 20.95 -15.09
N LEU C 457 29.30 20.62 -13.81
CA LEU C 457 28.09 20.82 -13.01
C LEU C 457 28.08 22.16 -12.28
N GLN C 458 29.21 22.87 -12.29
CA GLN C 458 29.23 24.22 -11.74
C GLN C 458 28.35 25.13 -12.61
N ARG C 459 28.31 24.79 -13.90
CA ARG C 459 27.46 25.45 -14.89
C ARG C 459 26.05 24.83 -14.91
N HIS C 460 25.38 24.84 -13.77
CA HIS C 460 24.09 24.16 -13.63
C HIS C 460 22.97 25.06 -13.10
N GLU C 461 21.80 24.93 -13.74
CA GLU C 461 20.59 25.61 -13.34
C GLU C 461 20.12 25.23 -11.93
N ASN C 462 20.90 25.62 -10.92
CA ASN C 462 20.55 25.40 -9.51
C ASN C 462 21.56 26.02 -8.54
N GLU C 463 21.05 26.53 -7.42
CA GLU C 463 21.89 27.11 -6.39
C GLU C 463 22.82 26.21 -5.57
N SER C 464 22.24 25.30 -4.78
CA SER C 464 23.03 24.38 -3.94
C SER C 464 23.72 23.25 -4.70
N VAL C 465 23.43 23.11 -5.99
CA VAL C 465 24.14 22.15 -6.86
C VAL C 465 25.47 22.72 -7.34
N TYR C 466 25.42 23.90 -7.96
CA TYR C 466 26.62 24.62 -8.40
C TYR C 466 27.56 24.87 -7.21
N LYS C 467 26.95 25.14 -6.06
CA LYS C 467 27.68 25.32 -4.81
C LYS C 467 28.52 24.09 -4.48
N ALA C 468 27.84 23.03 -4.03
CA ALA C 468 28.51 21.81 -3.55
C ALA C 468 29.40 21.12 -4.60
N SER C 469 29.14 21.35 -5.88
CA SER C 469 29.98 20.77 -6.92
C SER C 469 31.36 21.41 -6.86
N LEU C 470 31.39 22.74 -6.94
CA LEU C 470 32.66 23.48 -6.95
C LEU C 470 33.32 23.55 -5.56
N ASN C 471 32.56 23.30 -4.50
CA ASN C 471 33.11 23.19 -3.15
C ASN C 471 34.06 21.98 -3.08
N LEU C 472 33.73 20.93 -3.82
CA LEU C 472 34.58 19.73 -3.93
C LEU C 472 35.87 20.02 -4.68
N ILE C 473 35.75 20.71 -5.82
CA ILE C 473 36.89 21.05 -6.67
C ILE C 473 37.90 21.91 -5.92
N GLU C 474 37.40 22.84 -5.11
CA GLU C 474 38.24 23.62 -4.22
C GLU C 474 39.01 22.68 -3.31
N LYS C 475 38.31 22.11 -2.33
CA LYS C 475 38.97 21.38 -1.25
C LYS C 475 39.76 20.14 -1.69
N TYR C 476 39.61 19.68 -2.94
CA TYR C 476 40.21 18.39 -3.35
C TYR C 476 40.82 18.33 -4.76
N PHE C 477 40.58 19.35 -5.58
CA PHE C 477 41.11 19.35 -6.95
C PHE C 477 41.63 20.73 -7.38
#